data_5X3L
#
_entry.id   5X3L
#
_entity_poly.entity_id   1
_entity_poly.type   'polypeptide(L)'
_entity_poly.pdbx_seq_one_letter_code
;GLGSVFGRLARILGRVIPKV
;
_entity_poly.pdbx_strand_id   A
#
# COMPACT_ATOMS: atom_id res chain seq x y z
N GLY A 1 2.51 14.10 -4.38
CA GLY A 1 2.74 12.85 -3.60
C GLY A 1 3.27 13.11 -2.21
N LEU A 2 3.89 12.09 -1.61
CA LEU A 2 4.44 12.22 -0.26
C LEU A 2 3.32 12.47 0.75
N GLY A 3 2.65 11.39 1.14
CA GLY A 3 1.57 11.51 2.10
C GLY A 3 0.22 11.31 1.44
N SER A 4 0.10 11.82 0.21
CA SER A 4 -1.15 11.69 -0.55
C SER A 4 -1.18 10.32 -1.23
N VAL A 5 0.00 9.87 -1.63
CA VAL A 5 0.16 8.60 -2.30
C VAL A 5 0.16 7.47 -1.29
N PHE A 6 0.63 7.77 -0.08
CA PHE A 6 0.68 6.80 1.00
C PHE A 6 -0.59 5.95 1.04
N GLY A 7 -1.67 6.52 0.52
CA GLY A 7 -2.94 5.81 0.48
C GLY A 7 -2.88 4.61 -0.45
N ARG A 8 -2.19 4.79 -1.57
CA ARG A 8 -2.03 3.72 -2.54
C ARG A 8 -0.93 2.75 -2.11
N LEU A 9 0.25 3.31 -1.81
CA LEU A 9 1.38 2.49 -1.37
C LEU A 9 0.98 1.56 -0.22
N ALA A 10 0.16 2.09 0.68
CA ALA A 10 -0.32 1.33 1.84
C ALA A 10 -0.88 -0.03 1.44
N ARG A 11 -1.28 -0.17 0.18
CA ARG A 11 -1.85 -1.41 -0.31
C ARG A 11 -0.78 -2.36 -0.83
N ILE A 12 0.21 -1.83 -1.55
CA ILE A 12 1.27 -2.69 -2.07
C ILE A 12 1.91 -3.50 -0.97
N LEU A 13 2.03 -2.89 0.21
CA LEU A 13 2.59 -3.60 1.35
C LEU A 13 1.66 -4.72 1.74
N GLY A 14 0.38 -4.53 1.41
CA GLY A 14 -0.61 -5.54 1.67
C GLY A 14 -0.83 -6.44 0.48
N ARG A 15 -0.38 -5.98 -0.70
CA ARG A 15 -0.52 -6.75 -1.95
C ARG A 15 0.79 -7.44 -2.30
N VAL A 16 1.59 -7.73 -1.28
CA VAL A 16 2.87 -8.39 -1.46
C VAL A 16 2.76 -9.76 -0.85
N ILE A 17 2.29 -9.75 0.39
CA ILE A 17 2.01 -10.96 1.10
C ILE A 17 0.88 -10.67 2.04
N PRO A 18 -0.33 -10.74 1.50
CA PRO A 18 -1.55 -10.52 2.21
C PRO A 18 -2.07 -11.84 2.77
N LYS A 19 -3.18 -11.76 3.43
CA LYS A 19 -3.81 -12.93 4.03
C LYS A 19 -4.23 -13.94 2.97
N VAL A 20 -4.53 -13.45 1.77
CA VAL A 20 -4.93 -14.30 0.67
C VAL A 20 -6.24 -15.04 0.99
N GLY A 1 2.15 14.08 -4.63
CA GLY A 1 2.48 12.85 -3.85
C GLY A 1 3.07 13.18 -2.48
N LEU A 2 3.80 12.23 -1.90
CA LEU A 2 4.41 12.42 -0.59
C LEU A 2 3.33 12.64 0.47
N GLY A 3 2.82 11.54 1.00
CA GLY A 3 1.78 11.62 2.00
C GLY A 3 0.41 11.41 1.40
N SER A 4 0.23 11.87 0.15
CA SER A 4 -1.02 11.70 -0.56
C SER A 4 -1.08 10.33 -1.19
N VAL A 5 0.08 9.90 -1.67
CA VAL A 5 0.24 8.59 -2.30
C VAL A 5 0.28 7.50 -1.26
N PHE A 6 0.77 7.86 -0.07
CA PHE A 6 0.88 6.92 1.04
C PHE A 6 -0.37 6.06 1.14
N GLY A 7 -1.48 6.59 0.64
CA GLY A 7 -2.73 5.86 0.66
C GLY A 7 -2.70 4.67 -0.29
N ARG A 8 -2.13 4.90 -1.46
CA ARG A 8 -2.00 3.85 -2.46
C ARG A 8 -0.96 2.83 -2.03
N LEU A 9 0.24 3.30 -1.72
CA LEU A 9 1.31 2.41 -1.27
C LEU A 9 0.84 1.51 -0.13
N ALA A 10 -0.05 2.05 0.69
CA ALA A 10 -0.62 1.31 1.82
C ALA A 10 -1.13 -0.08 1.41
N ARG A 11 -1.40 -0.24 0.13
CA ARG A 11 -1.91 -1.49 -0.39
C ARG A 11 -0.78 -2.43 -0.80
N ILE A 12 0.25 -1.89 -1.45
CA ILE A 12 1.37 -2.74 -1.88
C ILE A 12 1.95 -3.51 -0.70
N LEU A 13 1.93 -2.89 0.47
CA LEU A 13 2.42 -3.55 1.67
C LEU A 13 1.49 -4.71 1.99
N GLY A 14 0.23 -4.55 1.59
CA GLY A 14 -0.75 -5.60 1.80
C GLY A 14 -0.87 -6.49 0.57
N ARG A 15 -0.37 -6.01 -0.57
CA ARG A 15 -0.41 -6.75 -1.83
C ARG A 15 0.94 -7.40 -2.11
N VAL A 16 1.68 -7.70 -1.05
CA VAL A 16 2.98 -8.33 -1.16
C VAL A 16 2.86 -9.72 -0.59
N ILE A 17 2.31 -9.75 0.60
CA ILE A 17 2.00 -10.99 1.26
C ILE A 17 0.81 -10.73 2.13
N PRO A 18 -0.37 -10.81 1.51
CA PRO A 18 -1.64 -10.63 2.14
C PRO A 18 -2.17 -11.97 2.61
N LYS A 19 -3.33 -11.94 3.20
CA LYS A 19 -3.99 -13.12 3.71
C LYS A 19 -4.30 -14.12 2.59
N VAL A 20 -4.47 -13.59 1.38
CA VAL A 20 -4.76 -14.44 0.23
C VAL A 20 -6.07 -15.21 0.42
N GLY A 1 2.33 14.22 -4.26
CA GLY A 1 2.72 12.95 -3.61
C GLY A 1 3.34 13.15 -2.24
N LEU A 2 3.93 12.10 -1.68
CA LEU A 2 4.55 12.17 -0.36
C LEU A 2 3.49 12.38 0.71
N GLY A 3 2.83 11.29 1.09
CA GLY A 3 1.79 11.36 2.10
C GLY A 3 0.41 11.22 1.50
N SER A 4 0.24 11.76 0.31
CA SER A 4 -1.04 11.68 -0.40
C SER A 4 -1.13 10.35 -1.12
N VAL A 5 0.01 9.90 -1.61
CA VAL A 5 0.12 8.64 -2.31
C VAL A 5 0.12 7.47 -1.33
N PHE A 6 0.63 7.73 -0.13
CA PHE A 6 0.70 6.72 0.92
C PHE A 6 -0.59 5.91 0.98
N GLY A 7 -1.68 6.52 0.52
CA GLY A 7 -2.96 5.83 0.49
C GLY A 7 -2.95 4.64 -0.42
N ARG A 8 -2.29 4.80 -1.57
CA ARG A 8 -2.18 3.73 -2.56
C ARG A 8 -1.08 2.75 -2.15
N LEU A 9 0.10 3.29 -1.86
CA LEU A 9 1.23 2.46 -1.45
C LEU A 9 0.81 1.53 -0.31
N ALA A 10 -0.01 2.06 0.60
CA ALA A 10 -0.50 1.29 1.74
C ALA A 10 -1.05 -0.07 1.33
N ARG A 11 -1.40 -0.21 0.06
CA ARG A 11 -1.95 -1.46 -0.45
C ARG A 11 -0.84 -2.38 -0.92
N ILE A 12 0.17 -1.86 -1.61
CA ILE A 12 1.26 -2.70 -2.09
C ILE A 12 1.91 -3.46 -0.94
N LEU A 13 1.95 -2.82 0.22
CA LEU A 13 2.50 -3.46 1.41
C LEU A 13 1.59 -4.61 1.80
N GLY A 14 0.31 -4.47 1.43
CA GLY A 14 -0.64 -5.51 1.71
C GLY A 14 -0.79 -6.45 0.53
N ARG A 15 -0.33 -6.01 -0.64
CA ARG A 15 -0.39 -6.81 -1.87
C ARG A 15 0.96 -7.46 -2.15
N VAL A 16 1.72 -7.70 -1.09
CA VAL A 16 3.03 -8.33 -1.20
C VAL A 16 2.94 -9.68 -0.58
N ILE A 17 2.39 -9.68 0.62
CA ILE A 17 2.10 -10.89 1.32
C ILE A 17 0.91 -10.62 2.19
N PRO A 18 -0.27 -10.71 1.59
CA PRO A 18 -1.53 -10.53 2.22
C PRO A 18 -2.05 -11.86 2.74
N LYS A 19 -3.21 -11.81 3.33
CA LYS A 19 -3.84 -13.00 3.88
C LYS A 19 -4.25 -13.97 2.79
N VAL A 20 -4.55 -13.44 1.61
CA VAL A 20 -4.96 -14.26 0.47
C VAL A 20 -6.21 -15.06 0.79
N GLY A 1 2.24 14.07 -4.42
CA GLY A 1 2.58 12.85 -3.64
C GLY A 1 3.16 13.18 -2.28
N LEU A 2 3.88 12.21 -1.70
CA LEU A 2 4.51 12.41 -0.39
C LEU A 2 3.42 12.59 0.68
N GLY A 3 2.79 11.50 1.06
CA GLY A 3 1.73 11.55 2.05
C GLY A 3 0.37 11.33 1.44
N SER A 4 0.20 11.80 0.21
CA SER A 4 -1.06 11.62 -0.51
C SER A 4 -1.07 10.25 -1.17
N VAL A 5 0.09 9.86 -1.66
CA VAL A 5 0.28 8.57 -2.31
C VAL A 5 0.31 7.46 -1.27
N PHE A 6 0.78 7.81 -0.07
CA PHE A 6 0.86 6.85 1.03
C PHE A 6 -0.41 6.00 1.10
N GLY A 7 -1.50 6.56 0.58
CA GLY A 7 -2.77 5.85 0.57
C GLY A 7 -2.73 4.69 -0.41
N ARG A 8 -2.12 4.92 -1.57
CA ARG A 8 -2.00 3.91 -2.60
C ARG A 8 -0.98 2.85 -2.18
N LEU A 9 0.23 3.30 -1.85
CA LEU A 9 1.28 2.38 -1.42
C LEU A 9 0.80 1.50 -0.27
N ALA A 10 -0.03 2.08 0.58
CA ALA A 10 -0.58 1.36 1.74
C ALA A 10 -1.13 -0.02 1.36
N ARG A 11 -1.45 -0.19 0.08
CA ARG A 11 -2.01 -1.44 -0.41
C ARG A 11 -0.89 -2.41 -0.84
N ILE A 12 0.13 -1.89 -1.52
CA ILE A 12 1.22 -2.75 -1.97
C ILE A 12 1.82 -3.53 -0.80
N LEU A 13 1.86 -2.89 0.37
CA LEU A 13 2.36 -3.55 1.55
C LEU A 13 1.42 -4.70 1.89
N GLY A 14 0.17 -4.54 1.49
CA GLY A 14 -0.81 -5.57 1.71
C GLY A 14 -0.93 -6.50 0.51
N ARG A 15 -0.46 -6.03 -0.65
CA ARG A 15 -0.50 -6.82 -1.90
C ARG A 15 0.87 -7.44 -2.17
N VAL A 16 1.63 -7.66 -1.12
CA VAL A 16 2.97 -8.25 -1.24
C VAL A 16 2.90 -9.61 -0.61
N ILE A 17 2.36 -9.62 0.60
CA ILE A 17 2.13 -10.83 1.30
C ILE A 17 0.92 -10.61 2.17
N PRO A 18 -0.24 -10.76 1.56
CA PRO A 18 -1.51 -10.63 2.18
C PRO A 18 -1.99 -11.97 2.70
N LYS A 19 -3.15 -11.97 3.27
CA LYS A 19 -3.75 -13.18 3.82
C LYS A 19 -4.16 -14.14 2.71
N VAL A 20 -4.52 -13.58 1.56
CA VAL A 20 -4.94 -14.39 0.42
C VAL A 20 -6.17 -15.21 0.74
N GLY A 1 1.59 13.86 -3.84
CA GLY A 1 2.74 13.11 -4.41
C GLY A 1 3.84 12.88 -3.38
N LEU A 2 3.48 12.29 -2.25
CA LEU A 2 4.44 12.01 -1.18
C LEU A 2 3.73 11.42 0.03
N GLY A 3 2.94 12.23 0.71
CA GLY A 3 2.20 11.78 1.88
C GLY A 3 0.76 11.44 1.55
N SER A 4 0.28 11.96 0.42
CA SER A 4 -1.09 11.71 -0.03
C SER A 4 -1.16 10.38 -0.75
N VAL A 5 -0.02 9.97 -1.31
CA VAL A 5 0.10 8.72 -2.02
C VAL A 5 0.08 7.56 -1.05
N PHE A 6 0.46 7.84 0.20
CA PHE A 6 0.49 6.85 1.26
C PHE A 6 -0.74 5.94 1.18
N GLY A 7 -1.81 6.48 0.60
CA GLY A 7 -3.03 5.71 0.44
C GLY A 7 -2.86 4.56 -0.52
N ARG A 8 -2.15 4.82 -1.60
CA ARG A 8 -1.89 3.80 -2.61
C ARG A 8 -0.85 2.81 -2.09
N LEU A 9 0.30 3.32 -1.67
CA LEU A 9 1.36 2.47 -1.14
C LEU A 9 0.84 1.57 -0.04
N ALA A 10 -0.11 2.08 0.73
CA ALA A 10 -0.72 1.33 1.83
C ALA A 10 -1.19 -0.05 1.39
N ARG A 11 -1.42 -0.22 0.09
CA ARG A 11 -1.87 -1.48 -0.46
C ARG A 11 -0.71 -2.40 -0.81
N ILE A 12 0.35 -1.85 -1.41
CA ILE A 12 1.49 -2.69 -1.77
C ILE A 12 2.00 -3.46 -0.57
N LEU A 13 1.94 -2.83 0.59
CA LEU A 13 2.36 -3.49 1.82
C LEU A 13 1.42 -4.66 2.08
N GLY A 14 0.20 -4.51 1.61
CA GLY A 14 -0.78 -5.57 1.76
C GLY A 14 -0.83 -6.47 0.53
N ARG A 15 -0.27 -5.99 -0.57
CA ARG A 15 -0.24 -6.74 -1.83
C ARG A 15 1.13 -7.39 -2.04
N VAL A 16 1.80 -7.67 -0.94
CA VAL A 16 3.12 -8.30 -0.97
C VAL A 16 2.97 -9.68 -0.40
N ILE A 17 2.36 -9.71 0.77
CA ILE A 17 2.02 -10.94 1.41
C ILE A 17 0.78 -10.68 2.22
N PRO A 18 -0.36 -10.77 1.53
CA PRO A 18 -1.66 -10.59 2.09
C PRO A 18 -2.20 -11.93 2.55
N LYS A 19 -3.40 -11.90 3.05
CA LYS A 19 -4.07 -13.10 3.55
C LYS A 19 -4.33 -14.09 2.42
N VAL A 20 -4.49 -13.56 1.20
CA VAL A 20 -4.74 -14.40 0.04
C VAL A 20 -6.07 -15.14 0.16
N GLY A 1 2.25 14.22 -4.44
CA GLY A 1 2.48 12.96 -3.68
C GLY A 1 3.08 13.22 -2.30
N LEU A 2 3.75 12.20 -1.76
CA LEU A 2 4.37 12.32 -0.45
C LEU A 2 3.31 12.50 0.63
N GLY A 3 2.80 11.38 1.14
CA GLY A 3 1.77 11.43 2.16
C GLY A 3 0.39 11.24 1.57
N SER A 4 0.20 11.77 0.36
CA SER A 4 -1.08 11.64 -0.33
C SER A 4 -1.12 10.29 -1.05
N VAL A 5 0.03 9.90 -1.57
CA VAL A 5 0.18 8.64 -2.27
C VAL A 5 0.20 7.48 -1.30
N PHE A 6 0.68 7.77 -0.08
CA PHE A 6 0.77 6.75 0.97
C PHE A 6 -0.50 5.89 0.99
N GLY A 7 -1.59 6.46 0.50
CA GLY A 7 -2.84 5.73 0.45
C GLY A 7 -2.75 4.56 -0.50
N ARG A 8 -2.10 4.78 -1.64
CA ARG A 8 -1.92 3.73 -2.63
C ARG A 8 -0.85 2.75 -2.18
N LEU A 9 0.32 3.28 -1.82
CA LEU A 9 1.42 2.43 -1.37
C LEU A 9 0.96 1.51 -0.23
N ALA A 10 0.12 2.05 0.64
CA ALA A 10 -0.44 1.30 1.78
C ALA A 10 -0.99 -0.05 1.35
N ARG A 11 -1.32 -0.18 0.07
CA ARG A 11 -1.88 -1.42 -0.46
C ARG A 11 -0.78 -2.38 -0.90
N ILE A 12 0.26 -1.87 -1.56
CA ILE A 12 1.34 -2.74 -2.02
C ILE A 12 1.93 -3.52 -0.85
N LEU A 13 1.97 -2.89 0.31
CA LEU A 13 2.47 -3.56 1.51
C LEU A 13 1.51 -4.70 1.86
N GLY A 14 0.25 -4.51 1.47
CA GLY A 14 -0.74 -5.53 1.72
C GLY A 14 -0.91 -6.43 0.50
N ARG A 15 -0.43 -5.96 -0.65
CA ARG A 15 -0.50 -6.72 -1.91
C ARG A 15 0.82 -7.39 -2.22
N VAL A 16 1.60 -7.66 -1.18
CA VAL A 16 2.90 -8.31 -1.33
C VAL A 16 2.80 -9.68 -0.73
N ILE A 17 2.29 -9.69 0.48
CA ILE A 17 2.02 -10.91 1.18
C ILE A 17 0.86 -10.63 2.10
N PRO A 18 -0.34 -10.73 1.53
CA PRO A 18 -1.58 -10.54 2.20
C PRO A 18 -2.07 -11.86 2.74
N LYS A 19 -3.20 -11.82 3.37
CA LYS A 19 -3.83 -13.00 3.95
C LYS A 19 -4.23 -13.99 2.86
N VAL A 20 -4.53 -13.47 1.67
CA VAL A 20 -4.93 -14.31 0.55
C VAL A 20 -6.19 -15.11 0.88
N GLY A 1 2.37 14.01 -4.58
CA GLY A 1 2.65 12.79 -3.76
C GLY A 1 3.14 13.15 -2.36
N LEU A 2 3.85 12.22 -1.74
CA LEU A 2 4.37 12.45 -0.39
C LEU A 2 3.22 12.65 0.59
N GLY A 3 2.70 11.54 1.11
CA GLY A 3 1.59 11.62 2.05
C GLY A 3 0.26 11.36 1.38
N SER A 4 0.15 11.79 0.12
CA SER A 4 -1.08 11.57 -0.65
C SER A 4 -1.07 10.19 -1.25
N VAL A 5 0.12 9.79 -1.70
CA VAL A 5 0.33 8.49 -2.30
C VAL A 5 0.34 7.42 -1.23
N PHE A 6 0.82 7.79 -0.04
CA PHE A 6 0.90 6.88 1.09
C PHE A 6 -0.37 6.03 1.18
N GLY A 7 -1.47 6.57 0.66
CA GLY A 7 -2.73 5.86 0.67
C GLY A 7 -2.72 4.70 -0.30
N ARG A 8 -2.16 4.94 -1.48
CA ARG A 8 -2.07 3.91 -2.50
C ARG A 8 -1.05 2.85 -2.11
N LEU A 9 0.16 3.29 -1.77
CA LEU A 9 1.23 2.37 -1.38
C LEU A 9 0.77 1.47 -0.22
N ALA A 10 -0.06 2.02 0.65
CA ALA A 10 -0.58 1.28 1.81
C ALA A 10 -1.12 -0.10 1.42
N ARG A 11 -1.45 -0.26 0.14
CA ARG A 11 -1.98 -1.51 -0.37
C ARG A 11 -0.85 -2.44 -0.80
N ILE A 12 0.13 -1.90 -1.54
CA ILE A 12 1.24 -2.73 -2.01
C ILE A 12 1.91 -3.45 -0.85
N LEU A 13 1.91 -2.81 0.32
CA LEU A 13 2.50 -3.44 1.50
C LEU A 13 1.64 -4.63 1.89
N GLY A 14 0.36 -4.52 1.57
CA GLY A 14 -0.55 -5.60 1.86
C GLY A 14 -0.75 -6.49 0.64
N ARG A 15 -0.32 -6.01 -0.52
CA ARG A 15 -0.44 -6.75 -1.78
C ARG A 15 0.88 -7.41 -2.14
N VAL A 16 1.68 -7.71 -1.13
CA VAL A 16 2.98 -8.36 -1.32
C VAL A 16 2.86 -9.74 -0.75
N ILE A 17 2.35 -9.77 0.47
CA ILE A 17 2.07 -10.99 1.13
C ILE A 17 0.90 -10.73 2.05
N PRO A 18 -0.29 -10.80 1.47
CA PRO A 18 -1.53 -10.61 2.16
C PRO A 18 -2.04 -11.94 2.65
N LYS A 19 -3.19 -11.89 3.27
CA LYS A 19 -3.84 -13.09 3.82
C LYS A 19 -4.28 -14.02 2.70
N VAL A 20 -4.60 -13.44 1.55
CA VAL A 20 -5.04 -14.23 0.39
C VAL A 20 -6.32 -14.99 0.71
N GLY A 1 2.73 13.73 -4.65
CA GLY A 1 2.81 12.56 -3.73
C GLY A 1 3.23 12.95 -2.33
N LEU A 2 3.84 12.02 -1.61
CA LEU A 2 4.29 12.26 -0.24
C LEU A 2 3.09 12.54 0.67
N GLY A 3 2.49 11.47 1.17
CA GLY A 3 1.33 11.59 2.03
C GLY A 3 0.04 11.35 1.29
N SER A 4 0.00 11.78 0.03
CA SER A 4 -1.18 11.57 -0.81
C SER A 4 -1.14 10.18 -1.42
N VAL A 5 0.08 9.73 -1.69
CA VAL A 5 0.31 8.42 -2.26
C VAL A 5 0.27 7.35 -1.18
N PHE A 6 0.61 7.75 0.04
CA PHE A 6 0.62 6.84 1.19
C PHE A 6 -0.59 5.92 1.16
N GLY A 7 -1.66 6.39 0.51
CA GLY A 7 -2.87 5.61 0.40
C GLY A 7 -2.68 4.41 -0.49
N ARG A 8 -1.96 4.61 -1.59
CA ARG A 8 -1.68 3.53 -2.54
C ARG A 8 -0.63 2.60 -1.97
N LEU A 9 0.46 3.18 -1.45
CA LEU A 9 1.53 2.39 -0.86
C LEU A 9 1.00 1.40 0.18
N ALA A 10 0.36 1.93 1.22
CA ALA A 10 -0.21 1.12 2.29
C ALA A 10 -0.97 -0.08 1.74
N ARG A 11 -1.43 0.02 0.50
CA ARG A 11 -2.17 -1.04 -0.15
C ARG A 11 -1.23 -2.00 -0.86
N ILE A 12 -0.29 -1.47 -1.65
CA ILE A 12 0.64 -2.32 -2.37
C ILE A 12 1.44 -3.20 -1.42
N LEU A 13 1.81 -2.66 -0.26
CA LEU A 13 2.55 -3.44 0.72
C LEU A 13 1.69 -4.60 1.15
N GLY A 14 0.38 -4.37 1.22
CA GLY A 14 -0.53 -5.42 1.56
C GLY A 14 -0.66 -6.44 0.44
N ARG A 15 -0.14 -6.07 -0.74
CA ARG A 15 -0.18 -6.92 -1.93
C ARG A 15 1.18 -7.61 -2.12
N VAL A 16 1.88 -7.81 -1.02
CA VAL A 16 3.19 -8.46 -1.05
C VAL A 16 3.04 -9.79 -0.37
N ILE A 17 2.42 -9.73 0.79
CA ILE A 17 2.08 -10.90 1.52
C ILE A 17 0.84 -10.57 2.32
N PRO A 18 -0.30 -10.68 1.64
CA PRO A 18 -1.59 -10.45 2.19
C PRO A 18 -2.16 -11.75 2.73
N LYS A 19 -3.35 -11.67 3.24
CA LYS A 19 -4.04 -12.83 3.81
C LYS A 19 -4.39 -13.83 2.70
N VAL A 20 -4.59 -13.34 1.50
CA VAL A 20 -4.92 -14.19 0.36
C VAL A 20 -6.23 -14.94 0.61
N GLY A 1 2.53 13.59 -5.48
CA GLY A 1 2.70 12.52 -4.45
C GLY A 1 3.70 12.91 -3.38
N LEU A 2 3.32 12.70 -2.12
CA LEU A 2 4.17 13.03 -0.98
C LEU A 2 3.36 12.98 0.31
N GLY A 3 3.09 11.77 0.78
CA GLY A 3 2.31 11.60 1.98
C GLY A 3 0.84 11.35 1.66
N SER A 4 0.40 11.88 0.53
CA SER A 4 -0.99 11.69 0.08
C SER A 4 -1.11 10.35 -0.62
N VAL A 5 -0.01 9.95 -1.25
CA VAL A 5 0.07 8.69 -1.96
C VAL A 5 0.11 7.54 -0.98
N PHE A 6 0.54 7.85 0.25
CA PHE A 6 0.63 6.87 1.32
C PHE A 6 -0.59 5.95 1.31
N GLY A 7 -1.69 6.47 0.77
CA GLY A 7 -2.91 5.69 0.69
C GLY A 7 -2.81 4.60 -0.35
N ARG A 8 -2.22 4.93 -1.48
CA ARG A 8 -2.03 3.96 -2.56
C ARG A 8 -1.04 2.88 -2.14
N LEU A 9 0.15 3.32 -1.71
CA LEU A 9 1.18 2.39 -1.28
C LEU A 9 0.67 1.49 -0.16
N ALA A 10 -0.25 2.01 0.65
CA ALA A 10 -0.83 1.27 1.77
C ALA A 10 -1.29 -0.13 1.34
N ARG A 11 -1.51 -0.31 0.04
CA ARG A 11 -1.96 -1.58 -0.49
C ARG A 11 -0.78 -2.48 -0.83
N ILE A 12 0.27 -1.92 -1.46
CA ILE A 12 1.43 -2.72 -1.83
C ILE A 12 1.99 -3.45 -0.61
N LEU A 13 1.89 -2.81 0.54
CA LEU A 13 2.36 -3.44 1.79
C LEU A 13 1.46 -4.63 2.07
N GLY A 14 0.22 -4.52 1.63
CA GLY A 14 -0.72 -5.61 1.80
C GLY A 14 -0.77 -6.52 0.59
N ARG A 15 -0.22 -6.05 -0.52
CA ARG A 15 -0.19 -6.81 -1.78
C ARG A 15 1.17 -7.47 -1.98
N VAL A 16 1.86 -7.75 -0.87
CA VAL A 16 3.17 -8.37 -0.90
C VAL A 16 3.02 -9.75 -0.32
N ILE A 17 2.38 -9.77 0.83
CA ILE A 17 2.04 -10.99 1.49
C ILE A 17 0.79 -10.73 2.26
N PRO A 18 -0.33 -10.82 1.56
CA PRO A 18 -1.65 -10.66 2.07
C PRO A 18 -2.20 -12.00 2.53
N LYS A 19 -3.41 -11.96 3.00
CA LYS A 19 -4.09 -13.17 3.47
C LYS A 19 -4.38 -14.11 2.32
N VAL A 20 -4.51 -13.56 1.12
CA VAL A 20 -4.79 -14.36 -0.07
C VAL A 20 -6.10 -15.12 0.08
N GLY A 1 2.38 13.90 -5.26
CA GLY A 1 2.57 12.76 -4.32
C GLY A 1 3.62 13.06 -3.26
N LEU A 2 3.29 12.74 -2.01
CA LEU A 2 4.21 12.98 -0.88
C LEU A 2 3.44 12.85 0.43
N GLY A 3 3.14 11.61 0.80
CA GLY A 3 2.38 11.38 2.03
C GLY A 3 0.91 11.19 1.74
N SER A 4 0.43 11.82 0.66
CA SER A 4 -0.95 11.70 0.25
C SER A 4 -1.14 10.42 -0.55
N VAL A 5 -0.06 10.02 -1.22
CA VAL A 5 -0.05 8.81 -2.02
C VAL A 5 -0.02 7.60 -1.12
N PHE A 6 0.42 7.82 0.12
CA PHE A 6 0.49 6.75 1.12
C PHE A 6 -0.74 5.84 1.03
N GLY A 7 -1.83 6.41 0.54
CA GLY A 7 -3.05 5.64 0.39
C GLY A 7 -2.88 4.49 -0.56
N ARG A 8 -2.15 4.73 -1.65
CA ARG A 8 -1.88 3.71 -2.65
C ARG A 8 -0.84 2.73 -2.12
N LEU A 9 0.31 3.26 -1.70
CA LEU A 9 1.39 2.43 -1.18
C LEU A 9 0.86 1.51 -0.07
N ALA A 10 -0.07 2.03 0.72
CA ALA A 10 -0.67 1.28 1.83
C ALA A 10 -1.16 -0.09 1.39
N ARG A 11 -1.39 -0.25 0.09
CA ARG A 11 -1.88 -1.51 -0.44
C ARG A 11 -0.73 -2.44 -0.82
N ILE A 12 0.32 -1.90 -1.43
CA ILE A 12 1.46 -2.73 -1.81
C ILE A 12 2.00 -3.50 -0.62
N LEU A 13 1.93 -2.88 0.55
CA LEU A 13 2.38 -3.54 1.77
C LEU A 13 1.47 -4.69 2.05
N GLY A 14 0.21 -4.55 1.61
CA GLY A 14 -0.76 -5.61 1.77
C GLY A 14 -0.84 -6.48 0.54
N ARG A 15 -0.32 -6.00 -0.58
CA ARG A 15 -0.32 -6.73 -1.85
C ARG A 15 1.04 -7.39 -2.10
N VAL A 16 1.74 -7.68 -1.02
CA VAL A 16 3.05 -8.31 -1.10
C VAL A 16 2.91 -9.69 -0.53
N ILE A 17 2.33 -9.73 0.65
CA ILE A 17 2.01 -10.95 1.30
C ILE A 17 0.79 -10.70 2.14
N PRO A 18 -0.37 -10.77 1.51
CA PRO A 18 -1.65 -10.60 2.11
C PRO A 18 -2.17 -11.94 2.59
N LYS A 19 -3.35 -11.91 3.15
CA LYS A 19 -4.01 -13.11 3.66
C LYS A 19 -4.31 -14.09 2.54
N VAL A 20 -4.52 -13.56 1.33
CA VAL A 20 -4.82 -14.39 0.17
C VAL A 20 -6.12 -15.15 0.36
N GLY A 1 2.73 14.26 -4.15
CA GLY A 1 3.13 12.84 -4.31
C GLY A 1 4.10 12.37 -3.24
N LEU A 2 3.58 12.20 -2.03
CA LEU A 2 4.39 11.74 -0.91
C LEU A 2 3.50 11.21 0.21
N GLY A 3 2.87 12.11 0.95
CA GLY A 3 1.99 11.71 2.03
C GLY A 3 0.56 11.48 1.55
N SER A 4 0.25 11.97 0.35
CA SER A 4 -1.07 11.79 -0.23
C SER A 4 -1.17 10.43 -0.90
N VAL A 5 -0.04 10.00 -1.44
CA VAL A 5 0.07 8.71 -2.11
C VAL A 5 0.04 7.59 -1.09
N PHE A 6 0.51 7.91 0.12
CA PHE A 6 0.55 6.95 1.22
C PHE A 6 -0.73 6.12 1.25
N GLY A 7 -1.81 6.69 0.72
CA GLY A 7 -3.08 5.99 0.69
C GLY A 7 -3.03 4.80 -0.25
N ARG A 8 -2.40 5.00 -1.40
CA ARG A 8 -2.27 3.94 -2.39
C ARG A 8 -1.22 2.91 -1.95
N LEU A 9 0.01 3.38 -1.75
CA LEU A 9 1.10 2.49 -1.31
C LEU A 9 0.63 1.55 -0.20
N ALA A 10 -0.31 2.03 0.60
CA ALA A 10 -0.88 1.26 1.71
C ALA A 10 -1.31 -0.14 1.27
N ARG A 11 -1.55 -0.31 -0.03
CA ARG A 11 -1.98 -1.59 -0.56
C ARG A 11 -0.79 -2.47 -0.92
N ILE A 12 0.22 -1.89 -1.55
CA ILE A 12 1.40 -2.69 -1.93
C ILE A 12 1.99 -3.40 -0.74
N LEU A 13 1.90 -2.77 0.43
CA LEU A 13 2.41 -3.38 1.65
C LEU A 13 1.54 -4.58 1.97
N GLY A 14 0.28 -4.50 1.55
CA GLY A 14 -0.64 -5.59 1.77
C GLY A 14 -0.72 -6.51 0.55
N ARG A 15 -0.18 -6.04 -0.58
CA ARG A 15 -0.18 -6.83 -1.82
C ARG A 15 1.18 -7.49 -2.05
N VAL A 16 1.89 -7.74 -0.95
CA VAL A 16 3.19 -8.38 -1.00
C VAL A 16 3.06 -9.75 -0.41
N ILE A 17 2.45 -9.75 0.77
CA ILE A 17 2.13 -10.96 1.43
C ILE A 17 0.88 -10.69 2.24
N PRO A 18 -0.26 -10.79 1.56
CA PRO A 18 -1.56 -10.60 2.12
C PRO A 18 -2.10 -11.93 2.60
N LYS A 19 -3.30 -11.88 3.11
CA LYS A 19 -3.98 -13.07 3.62
C LYS A 19 -4.27 -14.05 2.50
N VAL A 20 -4.46 -13.54 1.29
CA VAL A 20 -4.75 -14.37 0.13
C VAL A 20 -6.04 -15.15 0.33
N GLY A 1 2.30 13.93 -4.47
CA GLY A 1 2.66 12.75 -3.63
C GLY A 1 3.01 13.13 -2.22
N LEU A 2 3.72 12.24 -1.53
CA LEU A 2 4.13 12.49 -0.15
C LEU A 2 2.90 12.64 0.74
N GLY A 3 2.40 11.51 1.22
CA GLY A 3 1.21 11.52 2.06
C GLY A 3 -0.04 11.18 1.28
N SER A 4 -0.09 11.62 0.03
CA SER A 4 -1.22 11.35 -0.83
C SER A 4 -1.08 9.97 -1.44
N VAL A 5 0.16 9.63 -1.77
CA VAL A 5 0.49 8.33 -2.34
C VAL A 5 0.44 7.26 -1.28
N PHE A 6 0.80 7.64 -0.05
CA PHE A 6 0.80 6.73 1.08
C PHE A 6 -0.47 5.88 1.08
N GLY A 7 -1.52 6.41 0.47
CA GLY A 7 -2.78 5.69 0.37
C GLY A 7 -2.65 4.46 -0.51
N ARG A 8 -1.89 4.60 -1.59
CA ARG A 8 -1.66 3.51 -2.52
C ARG A 8 -0.53 2.61 -2.01
N LEU A 9 0.54 3.24 -1.53
CA LEU A 9 1.69 2.48 -1.01
C LEU A 9 1.24 1.51 0.08
N ALA A 10 0.63 2.04 1.14
CA ALA A 10 0.16 1.22 2.25
C ALA A 10 -0.66 0.02 1.76
N ARG A 11 -1.19 0.13 0.55
CA ARG A 11 -2.00 -0.92 -0.04
C ARG A 11 -1.13 -1.92 -0.80
N ILE A 12 -0.18 -1.42 -1.60
CA ILE A 12 0.69 -2.31 -2.37
C ILE A 12 1.39 -3.31 -1.46
N LEU A 13 1.87 -2.84 -0.32
CA LEU A 13 2.51 -3.73 0.64
C LEU A 13 1.52 -4.81 1.01
N GLY A 14 0.24 -4.42 1.07
CA GLY A 14 -0.80 -5.39 1.37
C GLY A 14 -0.86 -6.46 0.30
N ARG A 15 -0.33 -6.12 -0.88
CA ARG A 15 -0.28 -7.04 -2.02
C ARG A 15 1.10 -7.67 -2.13
N VAL A 16 1.78 -7.77 -0.99
CA VAL A 16 3.11 -8.36 -0.93
C VAL A 16 3.00 -9.66 -0.19
N ILE A 17 2.34 -9.58 0.95
CA ILE A 17 2.03 -10.73 1.72
C ILE A 17 0.75 -10.44 2.45
N PRO A 18 -0.35 -10.62 1.75
CA PRO A 18 -1.68 -10.44 2.22
C PRO A 18 -2.22 -11.75 2.79
N LYS A 19 -3.44 -11.69 3.24
CA LYS A 19 -4.11 -12.86 3.80
C LYS A 19 -4.40 -13.90 2.73
N VAL A 20 -4.58 -13.45 1.50
CA VAL A 20 -4.86 -14.34 0.38
C VAL A 20 -6.12 -15.17 0.64
N GLY A 1 1.46 13.14 -4.04
CA GLY A 1 2.87 12.80 -4.42
C GLY A 1 3.84 13.03 -3.29
N LEU A 2 3.40 12.71 -2.06
CA LEU A 2 4.24 12.88 -0.86
C LEU A 2 3.37 12.80 0.39
N GLY A 3 3.03 11.59 0.80
CA GLY A 3 2.19 11.41 1.97
C GLY A 3 0.73 11.24 1.58
N SER A 4 0.35 11.83 0.44
CA SER A 4 -1.01 11.73 -0.05
C SER A 4 -1.17 10.42 -0.82
N VAL A 5 -0.07 9.99 -1.42
CA VAL A 5 -0.02 8.75 -2.17
C VAL A 5 0.02 7.57 -1.23
N PHE A 6 0.46 7.84 0.01
CA PHE A 6 0.55 6.82 1.04
C PHE A 6 -0.66 5.89 0.99
N GLY A 7 -1.77 6.40 0.47
CA GLY A 7 -2.97 5.60 0.36
C GLY A 7 -2.77 4.42 -0.57
N ARG A 8 -2.07 4.67 -1.66
CA ARG A 8 -1.79 3.62 -2.63
C ARG A 8 -0.73 2.68 -2.10
N LEU A 9 0.41 3.23 -1.70
CA LEU A 9 1.51 2.42 -1.16
C LEU A 9 1.02 1.53 -0.02
N ALA A 10 0.17 2.09 0.84
CA ALA A 10 -0.39 1.36 1.98
C ALA A 10 -0.96 0.00 1.57
N ARG A 11 -1.29 -0.14 0.29
CA ARG A 11 -1.86 -1.38 -0.21
C ARG A 11 -0.76 -2.35 -0.65
N ILE A 12 0.28 -1.84 -1.32
CA ILE A 12 1.36 -2.71 -1.77
C ILE A 12 1.94 -3.51 -0.62
N LEU A 13 1.97 -2.89 0.56
CA LEU A 13 2.46 -3.58 1.75
C LEU A 13 1.51 -4.72 2.06
N GLY A 14 0.25 -4.53 1.68
CA GLY A 14 -0.74 -5.56 1.90
C GLY A 14 -0.91 -6.42 0.66
N ARG A 15 -0.45 -5.91 -0.49
CA ARG A 15 -0.54 -6.63 -1.77
C ARG A 15 0.79 -7.29 -2.11
N VAL A 16 1.57 -7.59 -1.08
CA VAL A 16 2.88 -8.21 -1.26
C VAL A 16 2.79 -9.60 -0.71
N ILE A 17 2.27 -9.67 0.50
CA ILE A 17 2.01 -10.92 1.13
C ILE A 17 0.83 -10.71 2.04
N PRO A 18 -0.35 -10.77 1.46
CA PRO A 18 -1.61 -10.63 2.11
C PRO A 18 -2.12 -11.98 2.55
N LYS A 19 -3.28 -11.97 3.16
CA LYS A 19 -3.93 -13.17 3.64
C LYS A 19 -4.28 -14.12 2.50
N VAL A 20 -4.52 -13.55 1.31
CA VAL A 20 -4.86 -14.36 0.15
C VAL A 20 -6.16 -15.12 0.37
N GLY A 1 2.63 14.07 -4.97
CA GLY A 1 2.77 12.86 -4.11
C GLY A 1 3.82 13.04 -3.02
N LEU A 2 3.45 12.69 -1.79
CA LEU A 2 4.35 12.81 -0.64
C LEU A 2 3.56 12.68 0.65
N GLY A 3 3.18 11.44 0.98
CA GLY A 3 2.40 11.20 2.18
C GLY A 3 0.92 11.08 1.85
N SER A 4 0.51 11.77 0.80
CA SER A 4 -0.88 11.72 0.35
C SER A 4 -1.09 10.48 -0.51
N VAL A 5 -0.01 10.07 -1.17
CA VAL A 5 0.00 8.89 -2.02
C VAL A 5 -0.03 7.64 -1.17
N PHE A 6 0.40 7.80 0.08
CA PHE A 6 0.44 6.70 1.03
C PHE A 6 -0.80 5.82 0.90
N GLY A 7 -1.88 6.42 0.40
CA GLY A 7 -3.12 5.68 0.20
C GLY A 7 -2.94 4.53 -0.76
N ARG A 8 -2.14 4.76 -1.80
CA ARG A 8 -1.85 3.73 -2.79
C ARG A 8 -0.81 2.77 -2.26
N LEU A 9 0.33 3.30 -1.82
CA LEU A 9 1.40 2.47 -1.26
C LEU A 9 0.87 1.63 -0.11
N ALA A 10 -0.23 2.09 0.49
CA ALA A 10 -0.85 1.39 1.61
C ALA A 10 -1.34 0.01 1.19
N ARG A 11 -1.56 -0.17 -0.11
CA ARG A 11 -2.04 -1.42 -0.65
C ARG A 11 -0.90 -2.37 -1.00
N ILE A 12 0.17 -1.83 -1.58
CA ILE A 12 1.31 -2.67 -1.95
C ILE A 12 1.81 -3.47 -0.76
N LEU A 13 1.77 -2.87 0.41
CA LEU A 13 2.17 -3.57 1.62
C LEU A 13 1.19 -4.69 1.87
N GLY A 14 -0.01 -4.53 1.34
CA GLY A 14 -1.02 -5.55 1.47
C GLY A 14 -1.00 -6.52 0.29
N ARG A 15 -0.40 -6.09 -0.82
CA ARG A 15 -0.30 -6.92 -2.03
C ARG A 15 1.09 -7.56 -2.14
N VAL A 16 1.74 -7.73 -1.00
CA VAL A 16 3.07 -8.32 -0.96
C VAL A 16 2.96 -9.64 -0.27
N ILE A 17 2.32 -9.59 0.88
CA ILE A 17 2.05 -10.78 1.62
C ILE A 17 0.78 -10.52 2.38
N PRO A 18 -0.35 -10.72 1.69
CA PRO A 18 -1.66 -10.56 2.20
C PRO A 18 -2.16 -11.88 2.76
N LYS A 19 -3.37 -11.85 3.24
CA LYS A 19 -4.00 -13.03 3.83
C LYS A 19 -4.14 -14.15 2.79
N VAL A 20 -4.16 -13.78 1.52
CA VAL A 20 -4.29 -14.75 0.44
C VAL A 20 -5.66 -15.41 0.46
N GLY A 1 2.56 14.25 -4.03
CA GLY A 1 3.00 12.84 -4.18
C GLY A 1 3.97 12.42 -3.10
N LEU A 2 3.44 12.16 -1.90
CA LEU A 2 4.24 11.74 -0.76
C LEU A 2 3.36 11.14 0.31
N GLY A 3 2.64 12.00 1.03
CA GLY A 3 1.75 11.54 2.07
C GLY A 3 0.35 11.25 1.55
N SER A 4 0.04 11.78 0.37
CA SER A 4 -1.25 11.56 -0.25
C SER A 4 -1.24 10.22 -0.99
N VAL A 5 -0.05 9.84 -1.43
CA VAL A 5 0.14 8.58 -2.13
C VAL A 5 0.08 7.43 -1.15
N PHE A 6 0.41 7.74 0.11
CA PHE A 6 0.40 6.75 1.18
C PHE A 6 -0.81 5.83 1.06
N GLY A 7 -1.86 6.34 0.43
CA GLY A 7 -3.07 5.56 0.23
C GLY A 7 -2.83 4.37 -0.68
N ARG A 8 -2.03 4.60 -1.73
CA ARG A 8 -1.71 3.55 -2.68
C ARG A 8 -0.62 2.64 -2.12
N LEU A 9 0.42 3.25 -1.55
CA LEU A 9 1.53 2.49 -0.97
C LEU A 9 1.02 1.52 0.10
N ALA A 10 0.39 2.07 1.13
CA ALA A 10 -0.16 1.27 2.24
C ALA A 10 -0.91 0.04 1.72
N ARG A 11 -1.37 0.11 0.48
CA ARG A 11 -2.11 -0.99 -0.13
C ARG A 11 -1.16 -1.97 -0.80
N ILE A 12 -0.19 -1.46 -1.57
CA ILE A 12 0.76 -2.33 -2.24
C ILE A 12 1.49 -3.22 -1.25
N LEU A 13 1.80 -2.68 -0.07
CA LEU A 13 2.47 -3.47 0.95
C LEU A 13 1.55 -4.62 1.32
N GLY A 14 0.25 -4.35 1.32
CA GLY A 14 -0.70 -5.39 1.61
C GLY A 14 -0.77 -6.40 0.49
N ARG A 15 -0.24 -6.01 -0.68
CA ARG A 15 -0.20 -6.86 -1.87
C ARG A 15 1.18 -7.50 -2.03
N VAL A 16 1.86 -7.67 -0.91
CA VAL A 16 3.19 -8.27 -0.90
C VAL A 16 3.07 -9.61 -0.24
N ILE A 17 2.42 -9.59 0.91
CA ILE A 17 2.10 -10.79 1.61
C ILE A 17 0.83 -10.52 2.37
N PRO A 18 -0.28 -10.66 1.67
CA PRO A 18 -1.60 -10.49 2.18
C PRO A 18 -2.13 -11.81 2.68
N LYS A 19 -3.35 -11.78 3.15
CA LYS A 19 -4.02 -12.97 3.67
C LYS A 19 -4.31 -13.96 2.54
N VAL A 20 -4.49 -13.44 1.33
CA VAL A 20 -4.77 -14.28 0.17
C VAL A 20 -6.03 -15.12 0.39
N GLY A 1 3.35 12.51 -4.83
CA GLY A 1 2.41 13.03 -3.81
C GLY A 1 3.07 13.28 -2.48
N LEU A 2 3.62 12.22 -1.89
CA LEU A 2 4.29 12.32 -0.58
C LEU A 2 3.26 12.51 0.51
N GLY A 3 2.71 11.39 0.99
CA GLY A 3 1.70 11.45 2.04
C GLY A 3 0.31 11.29 1.47
N SER A 4 0.10 11.81 0.27
CA SER A 4 -1.20 11.70 -0.40
C SER A 4 -1.29 10.36 -1.09
N VAL A 5 -0.15 9.90 -1.60
CA VAL A 5 -0.05 8.63 -2.28
C VAL A 5 0.03 7.50 -1.28
N PHE A 6 0.50 7.81 -0.08
CA PHE A 6 0.64 6.83 1.00
C PHE A 6 -0.58 5.90 1.03
N GLY A 7 -1.70 6.41 0.52
CA GLY A 7 -2.91 5.61 0.49
C GLY A 7 -2.76 4.41 -0.41
N ARG A 8 -2.11 4.62 -1.55
CA ARG A 8 -1.87 3.55 -2.51
C ARG A 8 -0.73 2.66 -2.02
N LEU A 9 0.35 3.29 -1.55
CA LEU A 9 1.50 2.55 -1.06
C LEU A 9 1.09 1.58 0.05
N ALA A 10 0.43 2.11 1.07
CA ALA A 10 -0.03 1.30 2.21
C ALA A 10 -0.76 0.03 1.75
N ARG A 11 -1.26 0.05 0.52
CA ARG A 11 -1.98 -1.08 -0.04
C ARG A 11 -1.02 -2.05 -0.72
N ILE A 12 -0.08 -1.53 -1.52
CA ILE A 12 0.86 -2.38 -2.21
C ILE A 12 1.58 -3.30 -1.23
N LEU A 13 1.86 -2.80 -0.04
CA LEU A 13 2.50 -3.61 0.98
C LEU A 13 1.56 -4.75 1.32
N GLY A 14 0.27 -4.44 1.30
CA GLY A 14 -0.72 -5.46 1.57
C GLY A 14 -0.77 -6.47 0.44
N ARG A 15 -0.20 -6.07 -0.71
CA ARG A 15 -0.15 -6.91 -1.92
C ARG A 15 1.22 -7.57 -2.04
N VAL A 16 1.88 -7.76 -0.91
CA VAL A 16 3.20 -8.38 -0.88
C VAL A 16 3.05 -9.73 -0.22
N ILE A 17 2.37 -9.68 0.92
CA ILE A 17 2.04 -10.87 1.63
C ILE A 17 0.76 -10.57 2.37
N PRO A 18 -0.36 -10.70 1.65
CA PRO A 18 -1.68 -10.50 2.15
C PRO A 18 -2.24 -11.81 2.65
N LYS A 19 -3.45 -11.77 3.12
CA LYS A 19 -4.13 -12.94 3.64
C LYS A 19 -4.37 -13.96 2.53
N VAL A 20 -4.54 -13.47 1.31
CA VAL A 20 -4.78 -14.33 0.16
C VAL A 20 -6.11 -15.06 0.28
N GLY A 1 2.39 13.83 -5.21
CA GLY A 1 2.60 12.73 -4.23
C GLY A 1 3.65 13.07 -3.20
N LEU A 2 3.37 12.71 -1.94
CA LEU A 2 4.29 12.99 -0.83
C LEU A 2 3.55 12.84 0.50
N GLY A 3 3.24 11.59 0.85
CA GLY A 3 2.50 11.34 2.07
C GLY A 3 1.03 11.15 1.80
N SER A 4 0.56 11.79 0.73
CA SER A 4 -0.84 11.69 0.31
C SER A 4 -1.03 10.42 -0.51
N VAL A 5 0.06 10.00 -1.14
CA VAL A 5 0.08 8.80 -1.96
C VAL A 5 0.05 7.58 -1.07
N PHE A 6 0.46 7.77 0.18
CA PHE A 6 0.48 6.69 1.17
C PHE A 6 -0.76 5.82 1.04
N GLY A 7 -1.84 6.40 0.52
CA GLY A 7 -3.06 5.66 0.34
C GLY A 7 -2.90 4.54 -0.68
N ARG A 8 -2.18 4.84 -1.75
CA ARG A 8 -1.92 3.86 -2.80
C ARG A 8 -0.93 2.82 -2.31
N LEU A 9 0.23 3.28 -1.83
CA LEU A 9 1.26 2.37 -1.32
C LEU A 9 0.71 1.50 -0.21
N ALA A 10 -0.22 2.05 0.56
CA ALA A 10 -0.85 1.34 1.68
C ALA A 10 -1.33 -0.06 1.25
N ARG A 11 -1.53 -0.25 -0.04
CA ARG A 11 -2.00 -1.52 -0.57
C ARG A 11 -0.83 -2.45 -0.87
N ILE A 12 0.23 -1.92 -1.49
CA ILE A 12 1.38 -2.75 -1.82
C ILE A 12 1.91 -3.47 -0.60
N LEU A 13 1.81 -2.83 0.55
CA LEU A 13 2.24 -3.45 1.79
C LEU A 13 1.33 -4.63 2.07
N GLY A 14 0.10 -4.52 1.60
CA GLY A 14 -0.86 -5.59 1.77
C GLY A 14 -0.90 -6.50 0.55
N ARG A 15 -0.36 -6.01 -0.57
CA ARG A 15 -0.33 -6.77 -1.83
C ARG A 15 1.05 -7.39 -2.04
N VAL A 16 1.75 -7.63 -0.93
CA VAL A 16 3.08 -8.23 -0.98
C VAL A 16 2.97 -9.60 -0.39
N ILE A 17 2.36 -9.63 0.78
CA ILE A 17 2.06 -10.87 1.43
C ILE A 17 0.82 -10.64 2.25
N PRO A 18 -0.32 -10.76 1.57
CA PRO A 18 -1.62 -10.61 2.14
C PRO A 18 -2.12 -11.97 2.62
N LYS A 19 -3.31 -11.96 3.14
CA LYS A 19 -3.94 -13.17 3.65
C LYS A 19 -4.20 -14.17 2.53
N VAL A 20 -4.39 -13.65 1.31
CA VAL A 20 -4.64 -14.49 0.15
C VAL A 20 -5.91 -15.32 0.33
N GLY A 1 2.46 13.90 -4.54
CA GLY A 1 2.76 12.71 -3.70
C GLY A 1 3.21 13.07 -2.30
N LEU A 2 3.86 12.11 -1.63
CA LEU A 2 4.34 12.35 -0.27
C LEU A 2 3.17 12.55 0.68
N GLY A 3 2.59 11.44 1.14
CA GLY A 3 1.46 11.50 2.03
C GLY A 3 0.15 11.28 1.30
N SER A 4 0.10 11.73 0.05
CA SER A 4 -1.09 11.56 -0.77
C SER A 4 -1.08 10.18 -1.40
N VAL A 5 0.13 9.74 -1.76
CA VAL A 5 0.35 8.44 -2.36
C VAL A 5 0.27 7.34 -1.31
N PHE A 6 0.66 7.70 -0.09
CA PHE A 6 0.65 6.75 1.02
C PHE A 6 -0.62 5.92 1.01
N GLY A 7 -1.67 6.46 0.40
CA GLY A 7 -2.92 5.74 0.31
C GLY A 7 -2.80 4.51 -0.55
N ARG A 8 -2.03 4.65 -1.64
CA ARG A 8 -1.80 3.53 -2.56
C ARG A 8 -0.72 2.61 -1.99
N LEU A 9 0.36 3.21 -1.53
CA LEU A 9 1.48 2.45 -0.96
C LEU A 9 0.99 1.48 0.12
N ALA A 10 0.37 2.03 1.17
CA ALA A 10 -0.14 1.23 2.27
C ALA A 10 -0.87 -0.03 1.79
N ARG A 11 -1.37 0.03 0.57
CA ARG A 11 -2.10 -1.09 -0.01
C ARG A 11 -1.14 -2.05 -0.73
N ILE A 12 -0.22 -1.50 -1.53
CA ILE A 12 0.73 -2.34 -2.25
C ILE A 12 1.50 -3.24 -1.30
N LEU A 13 1.82 -2.72 -0.12
CA LEU A 13 2.53 -3.51 0.87
C LEU A 13 1.63 -4.66 1.29
N GLY A 14 0.33 -4.40 1.30
CA GLY A 14 -0.62 -5.45 1.62
C GLY A 14 -0.74 -6.44 0.48
N ARG A 15 -0.23 -6.04 -0.68
CA ARG A 15 -0.24 -6.88 -1.89
C ARG A 15 1.11 -7.56 -2.09
N VAL A 16 1.83 -7.77 -0.99
CA VAL A 16 3.13 -8.41 -1.03
C VAL A 16 2.99 -9.75 -0.36
N ILE A 17 2.37 -9.71 0.81
CA ILE A 17 2.05 -10.90 1.51
C ILE A 17 0.81 -10.60 2.32
N PRO A 18 -0.33 -10.71 1.64
CA PRO A 18 -1.63 -10.50 2.19
C PRO A 18 -2.19 -11.81 2.71
N LYS A 19 -3.39 -11.74 3.21
CA LYS A 19 -4.08 -12.90 3.74
C LYS A 19 -4.36 -13.93 2.65
N VAL A 20 -4.51 -13.46 1.42
CA VAL A 20 -4.78 -14.34 0.29
C VAL A 20 -6.06 -15.15 0.51
N GLY A 1 2.50 14.55 -3.63
CA GLY A 1 2.63 13.08 -3.38
C GLY A 1 3.25 12.78 -2.03
N LEU A 2 3.85 11.60 -1.91
CA LEU A 2 4.49 11.18 -0.67
C LEU A 2 3.44 10.92 0.41
N GLY A 3 2.75 11.97 0.84
CA GLY A 3 1.72 11.82 1.84
C GLY A 3 0.35 11.59 1.24
N SER A 4 0.17 12.02 0.00
CA SER A 4 -1.09 11.82 -0.70
C SER A 4 -1.14 10.43 -1.30
N VAL A 5 0.03 9.96 -1.71
CA VAL A 5 0.19 8.65 -2.30
C VAL A 5 0.23 7.58 -1.24
N PHE A 6 0.68 7.97 -0.04
CA PHE A 6 0.78 7.05 1.09
C PHE A 6 -0.46 6.17 1.17
N GLY A 7 -1.56 6.68 0.62
CA GLY A 7 -2.81 5.94 0.64
C GLY A 7 -2.77 4.79 -0.35
N ARG A 8 -2.14 5.02 -1.49
CA ARG A 8 -2.01 3.98 -2.51
C ARG A 8 -1.00 2.92 -2.07
N LEU A 9 0.23 3.34 -1.84
CA LEU A 9 1.28 2.41 -1.41
C LEU A 9 0.78 1.52 -0.26
N ALA A 10 -0.12 2.07 0.55
CA ALA A 10 -0.69 1.36 1.69
C ALA A 10 -1.21 -0.02 1.30
N ARG A 11 -1.50 -0.22 0.01
CA ARG A 11 -2.00 -1.48 -0.47
C ARG A 11 -0.88 -2.42 -0.86
N ILE A 12 0.14 -1.90 -1.55
CA ILE A 12 1.26 -2.74 -1.96
C ILE A 12 1.86 -3.48 -0.77
N LEU A 13 1.85 -2.84 0.39
CA LEU A 13 2.36 -3.46 1.60
C LEU A 13 1.46 -4.63 1.95
N GLY A 14 0.20 -4.51 1.54
CA GLY A 14 -0.76 -5.57 1.77
C GLY A 14 -0.88 -6.49 0.57
N ARG A 15 -0.40 -6.02 -0.59
CA ARG A 15 -0.43 -6.79 -1.83
C ARG A 15 0.92 -7.42 -2.12
N VAL A 16 1.68 -7.66 -1.07
CA VAL A 16 3.00 -8.26 -1.19
C VAL A 16 2.94 -9.62 -0.59
N ILE A 17 2.39 -9.65 0.61
CA ILE A 17 2.13 -10.89 1.28
C ILE A 17 0.93 -10.65 2.16
N PRO A 18 -0.24 -10.78 1.54
CA PRO A 18 -1.51 -10.62 2.18
C PRO A 18 -1.99 -11.97 2.68
N LYS A 19 -3.16 -11.96 3.26
CA LYS A 19 -3.78 -13.16 3.80
C LYS A 19 -4.14 -14.13 2.68
N VAL A 20 -4.43 -13.59 1.50
CA VAL A 20 -4.79 -14.41 0.35
C VAL A 20 -6.08 -15.20 0.61
N GLY A 1 2.61 13.97 -4.57
CA GLY A 1 2.83 12.75 -3.74
C GLY A 1 3.30 13.09 -2.33
N LEU A 2 3.96 12.13 -1.68
CA LEU A 2 4.46 12.33 -0.32
C LEU A 2 3.30 12.57 0.63
N GLY A 3 2.74 11.49 1.15
CA GLY A 3 1.62 11.60 2.06
C GLY A 3 0.29 11.41 1.36
N SER A 4 0.22 11.84 0.11
CA SER A 4 -0.99 11.70 -0.69
C SER A 4 -1.03 10.31 -1.30
N VAL A 5 0.15 9.85 -1.69
CA VAL A 5 0.32 8.53 -2.28
C VAL A 5 0.30 7.45 -1.22
N PHE A 6 0.79 7.80 -0.03
CA PHE A 6 0.84 6.87 1.09
C PHE A 6 -0.46 6.06 1.18
N GLY A 7 -1.53 6.64 0.66
CA GLY A 7 -2.82 5.96 0.67
C GLY A 7 -2.83 4.79 -0.30
N ARG A 8 -2.20 4.98 -1.45
CA ARG A 8 -2.12 3.94 -2.46
C ARG A 8 -1.10 2.88 -2.06
N LEU A 9 0.11 3.34 -1.73
CA LEU A 9 1.18 2.42 -1.33
C LEU A 9 0.69 1.47 -0.23
N ALA A 10 -0.12 1.99 0.68
CA ALA A 10 -0.67 1.22 1.80
C ALA A 10 -1.23 -0.13 1.33
N ARG A 11 -1.55 -0.23 0.05
CA ARG A 11 -2.10 -1.46 -0.51
C ARG A 11 -0.99 -2.38 -0.98
N ILE A 12 0.02 -1.84 -1.65
CA ILE A 12 1.13 -2.67 -2.13
C ILE A 12 1.79 -3.42 -0.98
N LEU A 13 1.80 -2.80 0.19
CA LEU A 13 2.37 -3.44 1.37
C LEU A 13 1.49 -4.61 1.75
N GLY A 14 0.21 -4.48 1.42
CA GLY A 14 -0.72 -5.54 1.70
C GLY A 14 -0.81 -6.51 0.53
N ARG A 15 -0.29 -6.08 -0.63
CA ARG A 15 -0.30 -6.90 -1.85
C ARG A 15 1.06 -7.55 -2.08
N VAL A 16 1.79 -7.76 -0.99
CA VAL A 16 3.11 -8.39 -1.05
C VAL A 16 3.00 -9.74 -0.41
N ILE A 17 2.39 -9.72 0.77
CA ILE A 17 2.10 -10.92 1.46
C ILE A 17 0.86 -10.65 2.28
N PRO A 18 -0.29 -10.78 1.62
CA PRO A 18 -1.57 -10.60 2.19
C PRO A 18 -2.10 -11.92 2.70
N LYS A 19 -3.29 -11.87 3.23
CA LYS A 19 -3.96 -13.05 3.77
C LYS A 19 -4.23 -14.07 2.68
N VAL A 20 -4.42 -13.59 1.45
CA VAL A 20 -4.68 -14.47 0.32
C VAL A 20 -5.98 -15.26 0.53
#